data_5TLM
#
_entry.id   5TLM
#
_cell.length_a   54.030
_cell.length_b   80.810
_cell.length_c   58.090
_cell.angle_alpha   90.000
_cell.angle_beta   111.280
_cell.angle_gamma   90.000
#
_symmetry.space_group_name_H-M   'P 1 21 1'
#
loop_
_entity.id
_entity.type
_entity.pdbx_description
1 polymer 'Estrogen receptor'
2 polymer 'NUCLEAR RECEPTOR COACTIVATOR 2'
3 non-polymer "4,4',4''-(thiene-2,3,5-triyl)triphenol"
4 water water
#
loop_
_entity_poly.entity_id
_entity_poly.type
_entity_poly.pdbx_seq_one_letter_code
_entity_poly.pdbx_strand_id
1 'polypeptide(L)'
;IKRSKKNSLALSLTADQMVSALLDAEPPILYSEYDPTRPFSEASMMGLLTNLADRELVHMINWAKRVPGFVDLTLHDQVH
LLECAWLEILMIGLVWRSMEHPGKLLFAPNLLLDRNQGKCVEGMVEIFDMLLATSSRFRMMNLQGEEFVCLKSIILLNSG
VYTFLSSTLKSLEEKDHIHRVLDKITDTLIHLMAKAGLTLQQQHQRLAQLLLILSHIRHMSNKGMEHLYSMKCKNVVPLS
DLLLEMLDAHRLHAPTS
;
A,B
2 'polypeptide(L)' KHKILHRLLQDSS C,D
#
loop_
_chem_comp.id
_chem_comp.type
_chem_comp.name
_chem_comp.formula
7EM non-polymer 4,4',4''-(thiene-2,3,5-triyl)triphenol 'C22 H16 O3 S'
#
# COMPACT_ATOMS: atom_id res chain seq x y z
N LEU A 9 -9.99 12.68 25.93
CA LEU A 9 -9.33 11.39 25.72
C LEU A 9 -7.85 11.48 26.07
N ALA A 10 -7.11 10.40 25.79
CA ALA A 10 -5.69 10.37 26.12
C ALA A 10 -4.84 11.07 25.08
N LEU A 11 -5.34 11.22 23.85
CA LEU A 11 -4.56 11.81 22.76
C LEU A 11 -4.39 13.32 22.91
N SER A 12 -3.80 13.74 24.03
CA SER A 12 -3.41 15.13 24.24
C SER A 12 -1.91 15.30 24.37
N LEU A 13 -1.15 14.23 24.19
CA LEU A 13 0.30 14.30 24.36
C LEU A 13 0.93 15.13 23.25
N THR A 14 1.91 15.94 23.62
CA THR A 14 2.69 16.64 22.63
C THR A 14 3.47 15.66 21.76
N ALA A 15 3.92 16.15 20.60
CA ALA A 15 4.65 15.32 19.66
C ALA A 15 5.87 14.67 20.31
N ASP A 16 6.51 15.36 21.26
CA ASP A 16 7.67 14.77 21.93
C ASP A 16 7.26 13.73 22.96
N GLN A 17 6.12 13.91 23.63
CA GLN A 17 5.59 12.85 24.50
C GLN A 17 5.16 11.65 23.66
N MET A 18 4.63 11.90 22.46
CA MET A 18 4.28 10.82 21.55
C MET A 18 5.50 9.99 21.20
N VAL A 19 6.61 10.64 20.85
CA VAL A 19 7.82 9.91 20.49
C VAL A 19 8.32 9.09 21.68
N SER A 20 8.26 9.66 22.88
CA SER A 20 8.74 8.95 24.06
C SER A 20 7.91 7.70 24.33
N ALA A 21 6.58 7.82 24.27
CA ALA A 21 5.74 6.66 24.51
C ALA A 21 6.00 5.55 23.50
N LEU A 22 6.14 5.91 22.22
CA LEU A 22 6.41 4.90 21.21
C LEU A 22 7.79 4.28 21.40
N LEU A 23 8.81 5.12 21.67
CA LEU A 23 10.15 4.61 21.87
C LEU A 23 10.21 3.62 23.03
N ASP A 24 9.52 3.94 24.13
CA ASP A 24 9.49 3.05 25.29
C ASP A 24 8.61 1.83 25.07
N ALA A 25 7.65 1.90 24.15
CA ALA A 25 6.77 0.77 23.87
C ALA A 25 7.38 -0.23 22.91
N GLU A 26 8.62 -0.02 22.47
CA GLU A 26 9.20 -0.86 21.44
C GLU A 26 9.31 -2.31 21.94
N PRO A 27 8.87 -3.28 21.14
CA PRO A 27 9.11 -4.67 21.49
C PRO A 27 10.58 -4.97 21.45
N PRO A 28 11.01 -6.08 22.04
CA PRO A 28 12.41 -6.48 21.94
C PRO A 28 12.69 -7.13 20.59
N ILE A 29 13.97 -7.34 20.33
CA ILE A 29 14.41 -8.10 19.17
C ILE A 29 14.66 -9.51 19.65
N LEU A 30 13.83 -10.45 19.20
CA LEU A 30 13.94 -11.83 19.63
C LEU A 30 15.03 -12.55 18.85
N TYR A 31 15.42 -13.71 19.36
CA TYR A 31 16.40 -14.56 18.71
C TYR A 31 15.71 -15.72 18.01
N SER A 32 16.48 -16.38 17.16
CA SER A 32 16.02 -17.55 16.43
C SER A 32 16.56 -18.82 17.07
N GLU A 33 15.80 -19.91 16.92
CA GLU A 33 16.27 -21.24 17.31
C GLU A 33 17.15 -21.81 16.19
N TYR A 34 18.17 -21.04 15.84
CA TYR A 34 18.98 -21.27 14.66
C TYR A 34 20.23 -22.05 15.02
N ASP A 35 20.61 -22.98 14.13
N ASP A 35 20.61 -22.98 14.13
CA ASP A 35 21.82 -23.78 14.29
CA ASP A 35 21.82 -23.78 14.29
C ASP A 35 22.71 -23.56 13.08
C ASP A 35 22.72 -23.57 13.09
N PRO A 36 23.79 -22.78 13.21
CA PRO A 36 24.66 -22.55 12.05
C PRO A 36 25.34 -23.81 11.55
N THR A 37 25.59 -24.78 12.42
CA THR A 37 26.16 -26.05 11.97
C THR A 37 25.18 -26.86 11.14
N ARG A 38 23.90 -26.54 11.20
CA ARG A 38 22.91 -27.21 10.36
C ARG A 38 22.74 -26.44 9.05
N PRO A 39 22.55 -27.14 7.93
CA PRO A 39 22.30 -26.45 6.66
C PRO A 39 20.91 -25.87 6.59
N PHE A 40 20.61 -25.15 5.52
CA PHE A 40 19.35 -24.41 5.38
C PHE A 40 18.53 -25.04 4.27
N SER A 41 17.47 -25.75 4.64
CA SER A 41 16.51 -26.27 3.69
C SER A 41 15.40 -25.25 3.46
N GLU A 42 14.57 -25.52 2.46
CA GLU A 42 13.39 -24.68 2.25
C GLU A 42 12.46 -24.73 3.45
N ALA A 43 12.33 -25.90 4.08
CA ALA A 43 11.51 -26.03 5.28
C ALA A 43 12.21 -25.52 6.53
N SER A 44 13.55 -25.49 6.53
CA SER A 44 14.27 -24.93 7.67
C SER A 44 13.97 -23.45 7.83
N MET A 45 14.13 -22.67 6.75
CA MET A 45 13.72 -21.27 6.79
C MET A 45 12.22 -21.15 7.05
N MET A 46 11.43 -22.04 6.46
CA MET A 46 10.00 -22.02 6.70
C MET A 46 9.68 -22.23 8.17
N GLY A 47 10.39 -23.15 8.83
CA GLY A 47 10.16 -23.41 10.24
C GLY A 47 10.73 -22.35 11.15
N LEU A 48 11.93 -21.84 10.81
CA LEU A 48 12.58 -20.84 11.64
C LEU A 48 11.81 -19.53 11.64
N LEU A 49 11.48 -19.01 10.45
CA LEU A 49 10.80 -17.72 10.37
C LEU A 49 9.39 -17.80 10.93
N THR A 50 8.78 -18.98 10.88
CA THR A 50 7.44 -19.16 11.42
C THR A 50 7.42 -19.08 12.93
N ASN A 51 8.34 -19.80 13.58
CA ASN A 51 8.42 -19.76 15.05
C ASN A 51 8.81 -18.37 15.53
N LEU A 52 9.68 -17.70 14.79
CA LEU A 52 10.11 -16.36 15.17
C LEU A 52 8.98 -15.35 15.01
N ALA A 53 8.22 -15.44 13.91
CA ALA A 53 7.06 -14.56 13.75
C ALA A 53 6.02 -14.84 14.84
N ASP A 54 5.87 -16.11 15.23
CA ASP A 54 4.87 -16.46 16.23
C ASP A 54 5.22 -15.90 17.60
N ARG A 55 6.48 -16.00 18.02
CA ARG A 55 6.88 -15.42 19.29
C ARG A 55 6.91 -13.90 19.25
N GLU A 56 7.08 -13.31 18.06
CA GLU A 56 7.02 -11.86 17.95
C GLU A 56 5.60 -11.33 18.06
N LEU A 57 4.61 -12.14 17.68
CA LEU A 57 3.22 -11.67 17.68
C LEU A 57 2.75 -11.33 19.08
N VAL A 58 3.16 -12.11 20.07
CA VAL A 58 2.70 -11.84 21.43
C VAL A 58 3.30 -10.54 21.95
N HIS A 59 4.51 -10.19 21.49
CA HIS A 59 5.10 -8.90 21.82
C HIS A 59 4.42 -7.77 21.07
N MET A 60 4.02 -8.03 19.82
CA MET A 60 3.36 -7.00 19.02
C MET A 60 2.01 -6.64 19.61
N ILE A 61 1.29 -7.64 20.13
CA ILE A 61 0.02 -7.38 20.78
C ILE A 61 0.20 -6.45 21.96
N ASN A 62 1.17 -6.76 22.83
CA ASN A 62 1.41 -5.90 23.98
C ASN A 62 2.02 -4.57 23.58
N TRP A 63 2.78 -4.54 22.48
CA TRP A 63 3.22 -3.25 21.95
C TRP A 63 2.04 -2.44 21.42
N ALA A 64 1.14 -3.09 20.67
CA ALA A 64 -0.04 -2.41 20.15
C ALA A 64 -0.86 -1.78 21.27
N LYS A 65 -0.97 -2.47 22.41
CA LYS A 65 -1.73 -1.92 23.53
C LYS A 65 -1.09 -0.64 24.07
N ARG A 66 0.23 -0.50 23.91
CA ARG A 66 0.92 0.69 24.37
C ARG A 66 1.01 1.78 23.30
N VAL A 67 0.32 1.60 22.19
CA VAL A 67 0.26 2.63 21.15
C VAL A 67 -0.86 3.62 21.52
N PRO A 68 -0.56 4.91 21.59
CA PRO A 68 -1.58 5.89 22.04
C PRO A 68 -2.81 5.87 21.15
N GLY A 69 -3.95 5.53 21.75
CA GLY A 69 -5.22 5.48 21.07
C GLY A 69 -5.71 4.09 20.76
N PHE A 70 -4.81 3.10 20.75
CA PHE A 70 -5.22 1.74 20.39
C PHE A 70 -6.07 1.10 21.48
N VAL A 71 -5.92 1.54 22.73
CA VAL A 71 -6.73 1.01 23.82
C VAL A 71 -8.16 1.53 23.72
N ASP A 72 -8.33 2.76 23.22
CA ASP A 72 -9.65 3.35 23.09
C ASP A 72 -10.55 2.57 22.14
N LEU A 73 -9.99 1.70 21.31
CA LEU A 73 -10.78 0.94 20.35
C LEU A 73 -11.37 -0.31 21.00
N THR A 74 -12.46 -0.80 20.41
CA THR A 74 -13.11 -1.99 20.92
C THR A 74 -12.26 -3.23 20.62
N LEU A 75 -12.57 -4.31 21.32
CA LEU A 75 -11.85 -5.57 21.10
C LEU A 75 -11.98 -6.03 19.66
N HIS A 76 -13.19 -5.91 19.10
CA HIS A 76 -13.40 -6.31 17.71
C HIS A 76 -12.56 -5.48 16.75
N ASP A 77 -12.35 -4.20 17.06
CA ASP A 77 -11.56 -3.34 16.18
C ASP A 77 -10.07 -3.61 16.35
N GLN A 78 -9.62 -3.87 17.58
CA GLN A 78 -8.22 -4.18 17.80
C GLN A 78 -7.84 -5.49 17.14
N VAL A 79 -8.74 -6.48 17.21
CA VAL A 79 -8.53 -7.74 16.49
C VAL A 79 -8.42 -7.49 15.00
N HIS A 80 -9.27 -6.62 14.45
CA HIS A 80 -9.27 -6.37 13.01
C HIS A 80 -7.99 -5.66 12.58
N LEU A 81 -7.59 -4.61 13.30
CA LEU A 81 -6.39 -3.85 12.92
C LEU A 81 -5.15 -4.74 12.98
N LEU A 82 -5.04 -5.59 14.00
CA LEU A 82 -3.90 -6.49 14.09
C LEU A 82 -4.00 -7.64 13.09
N GLU A 83 -5.20 -8.04 12.69
CA GLU A 83 -5.33 -9.12 11.74
C GLU A 83 -4.94 -8.69 10.33
N CYS A 84 -5.04 -7.41 10.02
CA CYS A 84 -4.68 -6.91 8.69
C CYS A 84 -3.26 -6.41 8.59
N ALA A 85 -2.65 -5.97 9.70
CA ALA A 85 -1.37 -5.27 9.63
C ALA A 85 -0.19 -6.02 10.25
N TRP A 86 -0.40 -7.22 10.81
CA TRP A 86 0.65 -7.84 11.63
C TRP A 86 1.88 -8.20 10.79
N LEU A 87 1.67 -8.64 9.55
CA LEU A 87 2.81 -9.01 8.72
C LEU A 87 3.54 -7.79 8.20
N GLU A 88 2.83 -6.66 8.04
CA GLU A 88 3.50 -5.41 7.72
C GLU A 88 4.37 -4.93 8.87
N ILE A 89 3.94 -5.18 10.11
CA ILE A 89 4.67 -4.69 11.27
C ILE A 89 5.92 -5.53 11.50
N LEU A 90 5.83 -6.85 11.25
CA LEU A 90 7.04 -7.66 11.25
C LEU A 90 7.98 -7.22 10.15
N MET A 91 7.45 -6.95 8.95
CA MET A 91 8.30 -6.66 7.81
C MET A 91 9.04 -5.33 7.95
N ILE A 92 8.32 -4.28 8.35
CA ILE A 92 9.01 -3.00 8.52
C ILE A 92 9.95 -3.05 9.71
N GLY A 93 9.62 -3.85 10.72
CA GLY A 93 10.59 -4.13 11.77
C GLY A 93 11.80 -4.87 11.23
N LEU A 94 11.57 -5.86 10.36
CA LEU A 94 12.68 -6.54 9.71
C LEU A 94 13.51 -5.57 8.88
N VAL A 95 12.84 -4.79 8.03
CA VAL A 95 13.53 -3.82 7.19
C VAL A 95 14.30 -2.82 8.04
N TRP A 96 13.79 -2.46 9.21
CA TRP A 96 14.44 -1.46 10.04
C TRP A 96 15.75 -1.98 10.62
N ARG A 97 15.75 -3.19 11.18
CA ARG A 97 16.98 -3.69 11.79
C ARG A 97 17.97 -4.24 10.77
N SER A 98 17.58 -4.36 9.49
CA SER A 98 18.50 -4.73 8.43
C SER A 98 19.15 -3.53 7.76
N MET A 99 19.00 -2.32 8.33
CA MET A 99 19.50 -1.12 7.68
C MET A 99 21.02 -1.11 7.59
N GLU A 100 21.69 -1.32 8.71
CA GLU A 100 23.15 -1.36 8.74
C GLU A 100 23.73 -2.66 8.20
N HIS A 101 22.92 -3.48 7.51
CA HIS A 101 23.37 -4.74 6.92
C HIS A 101 23.08 -4.71 5.42
N PRO A 102 23.90 -4.03 4.63
CA PRO A 102 23.62 -3.92 3.19
C PRO A 102 23.72 -5.27 2.49
N GLY A 103 22.72 -5.58 1.67
CA GLY A 103 22.65 -6.84 0.99
C GLY A 103 22.16 -8.01 1.81
N LYS A 104 21.76 -7.79 3.06
CA LYS A 104 21.32 -8.85 3.94
C LYS A 104 20.06 -8.44 4.68
N LEU A 105 19.29 -9.45 5.09
CA LEU A 105 18.10 -9.27 5.91
C LEU A 105 18.37 -9.85 7.28
N LEU A 106 18.24 -9.01 8.31
CA LEU A 106 18.53 -9.40 9.69
C LEU A 106 17.23 -9.84 10.36
N PHE A 107 16.81 -11.07 10.07
CA PHE A 107 15.60 -11.59 10.72
C PHE A 107 15.77 -11.68 12.22
N ALA A 108 17.01 -11.91 12.67
CA ALA A 108 17.33 -12.08 14.09
C ALA A 108 18.84 -11.92 14.23
N PRO A 109 19.33 -11.51 15.41
CA PRO A 109 20.78 -11.30 15.57
C PRO A 109 21.62 -12.49 15.15
N ASN A 110 21.07 -13.70 15.24
CA ASN A 110 21.75 -14.92 14.79
C ASN A 110 21.27 -15.39 13.42
N LEU A 111 20.22 -14.78 12.87
CA LEU A 111 19.62 -15.22 11.60
C LEU A 111 19.76 -14.07 10.59
N LEU A 112 20.93 -13.97 9.98
CA LEU A 112 21.25 -12.95 8.99
C LEU A 112 21.37 -13.62 7.63
N LEU A 113 20.38 -13.41 6.76
CA LEU A 113 20.29 -14.09 5.49
C LEU A 113 20.56 -13.13 4.33
N ASP A 114 20.98 -13.70 3.20
CA ASP A 114 21.26 -12.91 2.01
C ASP A 114 20.50 -13.46 0.81
N ARG A 115 20.75 -12.89 -0.37
CA ARG A 115 20.04 -13.31 -1.58
C ARG A 115 20.67 -14.57 -2.17
N ASN A 116 20.96 -15.56 -1.33
CA ASN A 116 21.44 -16.86 -1.80
C ASN A 116 20.55 -17.95 -1.22
N GLN A 117 20.38 -17.93 0.10
CA GLN A 117 19.45 -18.84 0.76
C GLN A 117 18.04 -18.29 0.80
N GLY A 118 17.86 -16.99 0.55
CA GLY A 118 16.53 -16.44 0.38
C GLY A 118 15.74 -17.11 -0.73
N LYS A 119 16.43 -17.66 -1.72
CA LYS A 119 15.75 -18.43 -2.75
C LYS A 119 15.32 -19.80 -2.27
N CYS A 120 15.78 -20.24 -1.10
CA CYS A 120 15.38 -21.54 -0.56
C CYS A 120 13.95 -21.49 -0.04
N GLU A 122 11.91 -20.78 -1.94
CA GLU A 122 11.08 -21.90 -2.35
C GLU A 122 9.66 -21.44 -2.70
N GLY A 123 9.54 -20.72 -3.80
CA GLY A 123 8.71 -19.53 -3.80
C GLY A 123 9.58 -18.51 -3.13
N MET A 124 9.03 -17.31 -2.92
CA MET A 124 9.29 -16.24 -3.84
C MET A 124 10.33 -15.29 -3.30
N VAL A 125 11.41 -15.22 -4.05
CA VAL A 125 12.57 -14.38 -3.87
C VAL A 125 12.26 -12.94 -3.99
N GLU A 126 11.33 -12.61 -4.88
CA GLU A 126 11.02 -11.24 -5.21
C GLU A 126 10.81 -10.36 -3.99
N ILE A 127 9.98 -10.85 -3.08
CA ILE A 127 9.76 -10.22 -1.77
C ILE A 127 11.10 -9.96 -1.09
N PHE A 128 12.04 -10.91 -1.21
CA PHE A 128 13.33 -10.78 -0.55
C PHE A 128 14.08 -9.56 -1.06
N ASP A 129 14.19 -9.43 -2.38
CA ASP A 129 14.84 -8.25 -2.96
C ASP A 129 14.06 -6.99 -2.63
N MET A 130 12.73 -7.07 -2.64
CA MET A 130 11.91 -5.92 -2.27
C MET A 130 12.16 -5.50 -0.83
N LEU A 131 12.30 -6.46 0.09
CA LEU A 131 12.68 -6.13 1.46
C LEU A 131 14.07 -5.53 1.50
N LEU A 132 15.01 -6.10 0.72
CA LEU A 132 16.35 -5.52 0.63
C LEU A 132 16.30 -4.10 0.12
N ALA A 133 15.57 -3.87 -0.98
CA ALA A 133 15.45 -2.54 -1.54
C ALA A 133 14.80 -1.58 -0.54
N THR A 134 13.81 -2.07 0.20
CA THR A 134 13.19 -1.27 1.26
C THR A 134 14.22 -0.91 2.32
N SER A 135 14.97 -1.91 2.79
CA SER A 135 16.05 -1.65 3.73
C SER A 135 17.09 -0.72 3.13
N SER A 136 17.43 -0.93 1.86
CA SER A 136 18.30 0.02 1.18
C SER A 136 17.67 1.41 1.10
N ARG A 137 16.35 1.48 0.97
CA ARG A 137 15.68 2.78 0.94
C ARG A 137 15.84 3.51 2.27
N PHE A 138 15.56 2.83 3.38
CA PHE A 138 15.77 3.42 4.70
C PHE A 138 17.22 3.84 4.92
N ARG A 139 18.17 3.09 4.35
CA ARG A 139 19.58 3.41 4.51
C ARG A 139 19.95 4.70 3.78
N MET A 140 19.56 4.79 2.50
CA MET A 140 19.93 5.95 1.68
C MET A 140 19.35 7.24 2.23
N MET A 141 18.19 7.19 2.88
CA MET A 141 17.57 8.39 3.43
C MET A 141 17.75 8.51 4.94
N ASN A 142 18.54 7.64 5.55
CA ASN A 142 18.92 7.75 6.96
C ASN A 142 17.69 7.82 7.86
N LEU A 143 16.88 6.77 7.78
CA LEU A 143 15.70 6.69 8.63
C LEU A 143 16.11 6.66 10.10
N GLN A 144 15.55 7.57 10.88
CA GLN A 144 15.84 7.65 12.31
C GLN A 144 14.81 6.86 13.10
N GLY A 145 15.25 6.34 14.24
CA GLY A 145 14.37 5.51 15.06
C GLY A 145 13.07 6.20 15.43
N GLU A 146 13.13 7.50 15.72
CA GLU A 146 11.91 8.26 16.00
C GLU A 146 10.95 8.22 14.83
N GLU A 147 11.46 8.20 13.60
CA GLU A 147 10.60 8.13 12.42
C GLU A 147 10.09 6.71 12.19
N PHE A 148 10.86 5.69 12.60
CA PHE A 148 10.43 4.32 12.43
C PHE A 148 9.24 3.98 13.34
N VAL A 149 9.30 4.38 14.62
CA VAL A 149 8.21 4.07 15.54
C VAL A 149 6.92 4.75 15.11
N CYS A 150 6.99 5.91 14.46
CA CYS A 150 5.80 6.57 13.97
C CYS A 150 5.18 5.80 12.80
N LEU A 151 6.01 5.40 11.83
CA LEU A 151 5.50 4.67 10.67
C LEU A 151 4.87 3.35 11.08
N LYS A 152 5.52 2.65 12.01
CA LYS A 152 4.98 1.38 12.49
C LYS A 152 3.62 1.57 13.16
N SER A 153 3.46 2.67 13.90
CA SER A 153 2.16 2.99 14.46
C SER A 153 1.13 3.24 13.36
N ILE A 154 1.54 4.00 12.33
CA ILE A 154 0.64 4.30 11.21
C ILE A 154 0.14 3.03 10.56
N ILE A 155 1.03 2.06 10.33
CA ILE A 155 0.64 0.78 9.74
C ILE A 155 -0.44 0.10 10.58
N LEU A 156 -0.29 0.13 11.91
CA LEU A 156 -1.26 -0.53 12.78
C LEU A 156 -2.64 0.10 12.64
N LEU A 157 -2.69 1.42 12.49
CA LEU A 157 -3.95 2.14 12.50
C LEU A 157 -4.57 2.29 11.12
N ASN A 158 -3.74 2.37 10.08
CA ASN A 158 -4.21 2.67 8.73
C ASN A 158 -4.59 1.44 7.92
N SER A 159 -3.87 0.33 8.09
CA SER A 159 -4.07 -0.82 7.20
C SER A 159 -5.48 -1.37 7.31
N GLY A 160 -6.12 -1.23 8.47
CA GLY A 160 -7.46 -1.75 8.65
C GLY A 160 -8.50 -0.69 8.98
N VAL A 161 -8.23 0.58 8.67
CA VAL A 161 -9.24 1.62 8.88
C VAL A 161 -10.41 1.35 7.96
N TYR A 162 -10.16 0.61 6.88
CA TYR A 162 -11.19 -0.01 6.08
C TYR A 162 -10.60 -1.26 5.45
N THR A 163 -11.16 -2.42 5.80
CA THR A 163 -10.66 -3.70 5.30
C THR A 163 -11.65 -4.80 5.63
N GLU A 174 -18.37 6.47 16.09
CA GLU A 174 -17.58 5.38 15.53
C GLU A 174 -16.10 5.54 15.84
N LYS A 175 -15.25 5.49 14.79
CA LYS A 175 -13.80 5.58 14.93
C LYS A 175 -13.21 6.39 13.77
N ASP A 176 -13.47 7.69 13.77
CA ASP A 176 -12.59 8.61 13.09
C ASP A 176 -11.51 9.17 13.98
N HIS A 177 -11.59 8.88 15.26
CA HIS A 177 -10.49 9.22 16.14
C HIS A 177 -9.21 8.49 15.70
N ILE A 178 -9.35 7.38 14.99
CA ILE A 178 -8.20 6.77 14.34
C ILE A 178 -7.57 7.77 13.38
N HIS A 179 -8.39 8.47 12.61
CA HIS A 179 -7.87 9.56 11.79
C HIS A 179 -7.29 10.66 12.66
N ARG A 180 -7.91 10.93 13.80
CA ARG A 180 -7.39 11.95 14.71
C ARG A 180 -6.02 11.56 15.26
N VAL A 181 -5.86 10.30 15.66
CA VAL A 181 -4.55 9.83 16.10
C VAL A 181 -3.58 9.82 14.92
N LEU A 182 -4.06 9.43 13.74
CA LEU A 182 -3.22 9.47 12.55
C LEU A 182 -2.75 10.89 12.26
N ASP A 183 -3.65 11.87 12.41
CA ASP A 183 -3.26 13.27 12.26
C ASP A 183 -2.21 13.66 13.29
N LYS A 184 -2.32 13.14 14.51
CA LYS A 184 -1.32 13.47 15.52
C LYS A 184 0.02 12.82 15.23
N ILE A 185 0.01 11.62 14.63
CA ILE A 185 1.27 10.99 14.27
C ILE A 185 1.93 11.73 13.12
N THR A 186 1.13 12.19 12.16
CA THR A 186 1.66 13.02 11.08
C THR A 186 2.27 14.30 11.64
N ASP A 187 1.54 14.99 12.51
CA ASP A 187 2.10 16.15 13.20
C ASP A 187 3.37 15.79 13.96
N THR A 188 3.40 14.58 14.55
CA THR A 188 4.61 14.15 15.25
C THR A 188 5.77 13.96 14.28
N LEU A 189 5.50 13.39 13.10
CA LEU A 189 6.55 13.10 12.15
C LEU A 189 7.24 14.38 11.67
N ILE A 190 6.48 15.31 11.11
CA ILE A 190 7.10 16.55 10.63
C ILE A 190 7.72 17.34 11.78
N HIS A 191 7.27 17.11 13.02
CA HIS A 191 7.90 17.75 14.17
C HIS A 191 9.35 17.30 14.33
N LEU A 192 9.62 16.01 14.09
CA LEU A 192 10.99 15.52 14.09
C LEU A 192 11.82 16.16 12.98
N MET A 193 11.27 16.20 11.76
CA MET A 193 12.03 16.67 10.61
C MET A 193 12.32 18.16 10.69
N ALA A 194 11.41 18.94 11.29
CA ALA A 194 11.64 20.36 11.50
C ALA A 194 12.78 20.59 12.48
N LYS A 195 12.88 19.74 13.51
CA LYS A 195 14.00 19.86 14.45
C LYS A 195 15.21 19.11 13.92
N ALA A 196 15.40 19.12 12.59
CA ALA A 196 16.54 18.44 11.99
C ALA A 196 17.17 19.28 10.88
N GLY A 197 16.84 20.56 10.82
CA GLY A 197 17.38 21.43 9.79
C GLY A 197 16.74 21.29 8.44
N LEU A 198 15.66 20.53 8.33
CA LEU A 198 15.03 20.29 7.03
C LEU A 198 14.05 21.42 6.71
N THR A 199 14.23 22.03 5.54
CA THR A 199 13.33 23.08 5.09
C THR A 199 11.92 22.52 4.93
N LEU A 200 10.95 23.43 4.88
CA LEU A 200 9.56 23.02 4.70
C LEU A 200 9.39 22.16 3.47
N GLN A 201 10.08 22.50 2.38
CA GLN A 201 10.02 21.68 1.18
C GLN A 201 10.65 20.31 1.43
N GLN A 202 11.89 20.29 1.94
CA GLN A 202 12.53 19.03 2.32
C GLN A 202 11.74 18.29 3.38
N GLN A 203 10.88 18.99 4.13
CA GLN A 203 10.18 18.39 5.25
C GLN A 203 9.02 17.53 4.76
N HIS A 204 8.11 18.11 3.96
CA HIS A 204 6.92 17.37 3.57
C HIS A 204 7.16 16.44 2.39
N GLN A 205 8.22 16.65 1.61
CA GLN A 205 8.55 15.64 0.61
C GLN A 205 9.26 14.46 1.25
N ARG A 206 9.99 14.68 2.34
CA ARG A 206 10.46 13.57 3.16
C ARG A 206 9.28 12.76 3.68
N LEU A 207 8.30 13.45 4.28
CA LEU A 207 7.07 12.81 4.74
C LEU A 207 6.46 11.94 3.66
N ALA A 208 6.43 12.43 2.42
CA ALA A 208 5.84 11.65 1.34
C ALA A 208 6.67 10.41 1.03
N GLN A 209 8.00 10.56 0.98
CA GLN A 209 8.85 9.42 0.71
C GLN A 209 8.63 8.31 1.73
N LEU A 210 8.43 8.69 3.00
CA LEU A 210 8.17 7.69 4.04
C LEU A 210 6.80 7.03 3.84
N LEU A 211 5.77 7.83 3.60
CA LEU A 211 4.43 7.25 3.48
C LEU A 211 4.29 6.43 2.22
N LEU A 212 5.01 6.80 1.15
CA LEU A 212 4.98 6.01 -0.08
C LEU A 212 5.63 4.66 0.10
N ILE A 213 6.63 4.56 0.99
CA ILE A 213 7.25 3.26 1.26
C ILE A 213 6.25 2.32 1.91
N LEU A 214 5.31 2.86 2.68
CA LEU A 214 4.26 2.05 3.31
C LEU A 214 3.38 1.37 2.29
N SER A 215 3.32 1.90 1.06
CA SER A 215 2.62 1.21 -0.02
C SER A 215 3.34 -0.07 -0.39
N HIS A 216 4.67 -0.01 -0.52
CA HIS A 216 5.43 -1.20 -0.89
C HIS A 216 5.39 -2.26 0.19
N ILE A 217 5.40 -1.84 1.45
CA ILE A 217 5.31 -2.78 2.57
C ILE A 217 3.96 -3.47 2.56
N ARG A 218 2.89 -2.73 2.26
CA ARG A 218 1.60 -3.36 2.05
C ARG A 218 1.67 -4.41 0.94
N HIS A 219 2.38 -4.11 -0.14
CA HIS A 219 2.49 -5.05 -1.24
C HIS A 219 3.26 -6.29 -0.84
N MET A 220 4.42 -6.11 -0.19
CA MET A 220 5.20 -7.25 0.26
C MET A 220 4.39 -8.13 1.22
N SER A 221 3.62 -7.50 2.10
CA SER A 221 2.82 -8.25 3.06
C SER A 221 1.73 -9.06 2.38
N ASN A 222 1.03 -8.47 1.42
CA ASN A 222 -0.02 -9.21 0.72
C ASN A 222 0.58 -10.36 -0.07
N LYS A 223 1.75 -10.15 -0.65
CA LYS A 223 2.43 -11.22 -1.38
C LYS A 223 2.87 -12.33 -0.43
N GLY A 224 3.51 -11.98 0.68
CA GLY A 224 3.85 -12.98 1.68
C GLY A 224 2.63 -13.62 2.31
N MET A 225 1.54 -12.87 2.45
CA MET A 225 0.32 -13.41 3.04
C MET A 225 -0.23 -14.55 2.18
N GLU A 226 -0.48 -14.29 0.90
CA GLU A 226 -1.01 -15.34 0.04
C GLU A 226 -0.02 -16.49 -0.13
N HIS A 227 1.29 -16.22 0.00
CA HIS A 227 2.25 -17.32 -0.03
C HIS A 227 2.11 -18.21 1.19
N LEU A 228 1.95 -17.60 2.38
CA LEU A 228 1.76 -18.40 3.59
C LEU A 228 0.51 -19.27 3.52
N TYR A 229 -0.55 -18.76 2.88
CA TYR A 229 -1.76 -19.57 2.73
C TYR A 229 -1.55 -20.72 1.76
N SER A 230 -0.66 -20.56 0.78
CA SER A 230 -0.39 -21.64 -0.17
C SER A 230 0.42 -22.76 0.49
N MET A 231 1.44 -22.40 1.27
CA MET A 231 2.27 -23.37 1.99
C MET A 231 1.55 -23.76 3.28
N LYS A 232 0.48 -24.53 3.12
CA LYS A 232 -0.37 -24.89 4.25
C LYS A 232 -1.22 -26.11 3.91
N LEU A 239 2.79 -25.30 11.78
CA LEU A 239 2.67 -23.86 12.00
C LEU A 239 2.25 -23.53 13.43
N SER A 240 2.08 -22.25 13.70
CA SER A 240 1.62 -21.78 15.00
C SER A 240 0.11 -21.65 15.00
N ASP A 241 -0.50 -21.96 16.16
CA ASP A 241 -1.95 -21.83 16.27
C ASP A 241 -2.38 -20.37 16.15
N LEU A 242 -1.60 -19.45 16.74
CA LEU A 242 -1.92 -18.04 16.61
C LEU A 242 -1.72 -17.54 15.19
N LEU A 243 -0.68 -18.03 14.52
CA LEU A 243 -0.43 -17.64 13.14
C LEU A 243 -1.57 -18.09 12.22
N LEU A 244 -2.17 -19.26 12.51
CA LEU A 244 -3.31 -19.72 11.73
C LEU A 244 -4.55 -18.89 11.99
N GLU A 245 -4.71 -18.36 13.20
CA GLU A 245 -5.81 -17.44 13.47
C GLU A 245 -5.64 -16.13 12.70
N MET A 246 -4.39 -15.72 12.45
CA MET A 246 -4.17 -14.50 11.66
C MET A 246 -4.39 -14.74 10.17
N LEU A 247 -4.10 -15.94 9.68
CA LEU A 247 -4.28 -16.24 8.27
C LEU A 247 -5.75 -16.31 7.88
N ASP A 248 -6.62 -16.77 8.78
CA ASP A 248 -8.04 -16.89 8.46
C ASP A 248 -8.69 -15.53 8.23
N ALA A 249 -8.11 -14.44 8.74
CA ALA A 249 -8.64 -13.11 8.47
C ALA A 249 -8.44 -12.73 7.01
N HIS A 250 -7.24 -12.94 6.49
CA HIS A 250 -6.97 -12.75 5.06
C HIS A 250 -7.63 -13.88 4.29
N ARG A 251 -8.71 -13.56 3.57
CA ARG A 251 -9.54 -14.56 2.89
C ARG A 251 -10.07 -15.60 3.88
N LEU B 9 12.31 15.84 -21.32
CA LEU B 9 12.95 16.26 -20.08
C LEU B 9 12.20 17.42 -19.44
N ALA B 10 11.01 17.12 -18.91
CA ALA B 10 10.06 18.15 -18.47
C ALA B 10 10.01 18.33 -16.96
N LEU B 11 11.16 18.28 -16.29
CA LEU B 11 11.25 18.45 -14.85
C LEU B 11 11.21 19.91 -14.41
N SER B 12 11.18 20.86 -15.34
CA SER B 12 11.26 22.28 -14.98
C SER B 12 9.90 22.89 -14.66
N LEU B 13 8.83 22.12 -14.67
CA LEU B 13 7.50 22.70 -14.66
C LEU B 13 7.21 23.38 -13.35
N THR B 14 6.36 24.38 -13.38
CA THR B 14 5.67 24.86 -12.18
C THR B 14 4.55 23.87 -11.83
N ALA B 15 4.00 24.03 -10.63
CA ALA B 15 2.96 23.10 -10.18
C ALA B 15 1.72 23.17 -11.07
N ASP B 16 1.27 24.39 -11.40
CA ASP B 16 0.10 24.51 -12.26
C ASP B 16 0.39 24.05 -13.68
N GLN B 17 1.64 24.22 -14.14
CA GLN B 17 2.03 23.59 -15.40
C GLN B 17 2.01 22.07 -15.28
N MET B 18 2.37 21.55 -14.11
CA MET B 18 2.21 20.12 -13.85
C MET B 18 0.74 19.75 -13.74
N VAL B 19 -0.07 20.58 -13.09
CA VAL B 19 -1.48 20.26 -12.89
C VAL B 19 -2.23 20.30 -14.22
N SER B 20 -2.07 21.39 -14.97
CA SER B 20 -2.80 21.52 -16.24
C SER B 20 -2.37 20.46 -17.24
N ALA B 21 -1.09 20.08 -17.23
CA ALA B 21 -0.63 19.03 -18.13
C ALA B 21 -1.24 17.68 -17.73
N LEU B 22 -1.36 17.42 -16.43
CA LEU B 22 -1.99 16.17 -15.98
C LEU B 22 -3.50 16.21 -16.20
N LEU B 23 -4.12 17.37 -15.99
CA LEU B 23 -5.55 17.49 -16.26
C LEU B 23 -5.84 17.31 -17.74
N ASP B 24 -4.99 17.87 -18.60
CA ASP B 24 -5.17 17.74 -20.04
C ASP B 24 -4.85 16.35 -20.55
N ALA B 25 -4.05 15.58 -19.82
CA ALA B 25 -3.69 14.21 -20.19
C ALA B 25 -4.68 13.18 -19.68
N GLU B 26 -5.78 13.61 -19.07
CA GLU B 26 -6.75 12.66 -18.53
C GLU B 26 -7.38 11.85 -19.65
N PRO B 27 -7.39 10.52 -19.55
CA PRO B 27 -8.18 9.73 -20.49
C PRO B 27 -9.66 9.99 -20.29
N PRO B 28 -10.49 9.71 -21.28
CA PRO B 28 -11.93 9.91 -21.13
C PRO B 28 -12.56 8.82 -20.27
N ILE B 29 -13.82 9.05 -19.92
CA ILE B 29 -14.61 8.09 -19.17
C ILE B 29 -15.35 7.23 -20.20
N LEU B 30 -14.87 6.02 -20.41
CA LEU B 30 -15.42 5.16 -21.44
C LEU B 30 -16.78 4.62 -21.02
N TYR B 31 -17.57 4.24 -22.02
CA TYR B 31 -18.86 3.61 -21.81
C TYR B 31 -18.75 2.09 -21.94
N SER B 32 -19.64 1.41 -21.24
CA SER B 32 -19.80 -0.03 -21.34
C SER B 32 -20.78 -0.36 -22.46
N GLU B 33 -20.99 -1.64 -22.68
CA GLU B 33 -21.96 -2.13 -23.63
C GLU B 33 -23.39 -2.06 -23.06
N TYR B 34 -23.46 -1.66 -21.79
CA TYR B 34 -24.34 -2.05 -20.70
C TYR B 34 -25.69 -2.50 -21.22
N ASP B 35 -26.13 -3.67 -20.74
CA ASP B 35 -27.40 -4.25 -21.13
C ASP B 35 -28.41 -4.06 -20.01
N PRO B 36 -29.50 -3.32 -20.24
CA PRO B 36 -30.46 -2.96 -19.18
C PRO B 36 -31.48 -4.05 -18.91
N PHE B 40 -28.20 -9.88 -14.24
CA PHE B 40 -26.74 -9.90 -14.16
C PHE B 40 -26.24 -11.17 -13.46
N SER B 41 -25.54 -12.01 -14.22
CA SER B 41 -24.92 -13.21 -13.68
C SER B 41 -23.42 -12.96 -13.47
N GLU B 42 -22.73 -14.01 -13.04
CA GLU B 42 -21.29 -13.89 -12.84
C GLU B 42 -20.55 -13.78 -14.18
N ALA B 43 -21.13 -14.32 -15.24
CA ALA B 43 -20.50 -14.20 -16.56
C ALA B 43 -20.81 -12.87 -17.23
N SER B 44 -21.95 -12.26 -16.90
CA SER B 44 -22.30 -10.97 -17.48
C SER B 44 -21.41 -9.86 -16.92
N MET B 45 -21.28 -9.81 -15.60
CA MET B 45 -20.48 -8.76 -14.98
C MET B 45 -19.01 -8.90 -15.36
N MET B 46 -18.43 -10.08 -15.14
CA MET B 46 -17.02 -10.27 -15.43
C MET B 46 -16.71 -10.03 -16.90
N GLY B 47 -17.68 -10.29 -17.78
CA GLY B 47 -17.50 -9.98 -19.18
C GLY B 47 -17.58 -8.50 -19.48
N LEU B 48 -18.50 -7.79 -18.82
CA LEU B 48 -18.67 -6.36 -19.06
C LEU B 48 -17.52 -5.56 -18.47
N LEU B 49 -16.98 -5.99 -17.33
CA LEU B 49 -15.86 -5.29 -16.72
C LEU B 49 -14.56 -5.60 -17.44
N THR B 50 -14.43 -6.80 -18.00
CA THR B 50 -13.24 -7.16 -18.76
C THR B 50 -13.08 -6.27 -19.99
N ASN B 51 -14.15 -6.15 -20.79
CA ASN B 51 -14.08 -5.36 -22.02
C ASN B 51 -13.86 -3.88 -21.71
N LEU B 52 -14.51 -3.38 -20.65
CA LEU B 52 -14.26 -2.01 -20.21
C LEU B 52 -12.81 -1.82 -19.77
N ALA B 53 -12.27 -2.81 -19.05
CA ALA B 53 -10.89 -2.72 -18.58
C ALA B 53 -9.92 -2.72 -19.75
N ASP B 54 -10.15 -3.58 -20.73
CA ASP B 54 -9.22 -3.69 -21.86
C ASP B 54 -9.22 -2.42 -22.70
N ARG B 55 -10.40 -1.86 -22.96
CA ARG B 55 -10.45 -0.59 -23.68
C ARG B 55 -9.83 0.55 -22.87
N GLU B 56 -9.94 0.53 -21.55
CA GLU B 56 -9.33 1.57 -20.75
C GLU B 56 -7.82 1.44 -20.69
N LEU B 57 -7.27 0.25 -20.95
CA LEU B 57 -5.83 0.06 -20.88
C LEU B 57 -5.13 0.82 -21.99
N VAL B 58 -5.73 0.87 -23.19
CA VAL B 58 -5.09 1.56 -24.30
C VAL B 58 -5.09 3.08 -24.07
N HIS B 59 -6.08 3.60 -23.35
CA HIS B 59 -6.05 5.03 -23.01
C HIS B 59 -5.07 5.31 -21.90
N MET B 60 -4.95 4.38 -20.94
CA MET B 60 -4.02 4.56 -19.83
C MET B 60 -2.58 4.61 -20.33
N ILE B 61 -2.27 3.81 -21.35
CA ILE B 61 -0.92 3.79 -21.91
C ILE B 61 -0.58 5.15 -22.51
N ASN B 62 -1.49 5.68 -23.34
CA ASN B 62 -1.25 6.99 -23.93
C ASN B 62 -1.30 8.10 -22.88
N TRP B 63 -2.08 7.91 -21.81
CA TRP B 63 -2.02 8.85 -20.69
C TRP B 63 -0.66 8.79 -20.00
N ALA B 64 -0.14 7.58 -19.77
CA ALA B 64 1.15 7.43 -19.10
C ALA B 64 2.25 8.13 -19.88
N LYS B 65 2.27 7.97 -21.20
CA LYS B 65 3.24 8.71 -22.01
C LYS B 65 3.12 10.20 -21.78
N ARG B 66 1.92 10.69 -21.49
CA ARG B 66 1.71 12.12 -21.26
C ARG B 66 1.95 12.54 -19.82
N VAL B 67 2.32 11.62 -18.94
CA VAL B 67 2.70 11.98 -17.58
C VAL B 67 4.11 12.56 -17.64
N PRO B 68 4.33 13.80 -17.19
CA PRO B 68 5.68 14.40 -17.30
C PRO B 68 6.71 13.53 -16.58
N GLY B 69 7.73 13.11 -17.33
CA GLY B 69 8.79 12.28 -16.83
C GLY B 69 8.71 10.82 -17.25
N PHE B 70 7.51 10.34 -17.60
CA PHE B 70 7.36 8.93 -17.95
C PHE B 70 8.04 8.60 -19.27
N VAL B 71 8.02 9.52 -20.23
CA VAL B 71 8.67 9.27 -21.53
C VAL B 71 10.19 9.25 -21.38
N ASP B 72 10.72 9.90 -20.34
CA ASP B 72 12.15 9.92 -20.11
C ASP B 72 12.70 8.58 -19.65
N LEU B 73 11.84 7.62 -19.34
CA LEU B 73 12.26 6.29 -18.92
C LEU B 73 12.40 5.37 -20.12
N THR B 74 13.24 4.35 -19.98
CA THR B 74 13.42 3.37 -21.04
C THR B 74 12.14 2.56 -21.23
N LEU B 75 12.10 1.83 -22.36
CA LEU B 75 10.92 1.03 -22.68
C LEU B 75 10.69 -0.07 -21.66
N HIS B 76 11.78 -0.67 -21.16
CA HIS B 76 11.64 -1.72 -20.15
C HIS B 76 11.03 -1.15 -18.87
N ASP B 77 11.45 0.06 -18.47
CA ASP B 77 10.95 0.65 -17.23
C ASP B 77 9.51 1.12 -17.39
N GLN B 78 9.16 1.69 -18.54
CA GLN B 78 7.77 2.05 -18.79
C GLN B 78 6.88 0.82 -18.73
N VAL B 79 7.34 -0.29 -19.31
CA VAL B 79 6.56 -1.53 -19.26
C VAL B 79 6.39 -1.99 -17.81
N HIS B 80 7.45 -1.91 -17.01
CA HIS B 80 7.39 -2.39 -15.63
C HIS B 80 6.41 -1.56 -14.80
N LEU B 81 6.54 -0.23 -14.86
CA LEU B 81 5.67 0.62 -14.04
C LEU B 81 4.20 0.39 -14.38
N LEU B 82 3.87 0.23 -15.66
CA LEU B 82 2.48 0.02 -16.05
C LEU B 82 2.01 -1.38 -15.64
N GLU B 83 2.85 -2.39 -15.84
CA GLU B 83 2.48 -3.75 -15.46
C GLU B 83 2.23 -3.88 -13.96
N CYS B 84 2.87 -3.05 -13.13
CA CYS B 84 2.70 -3.14 -11.70
C CYS B 84 1.53 -2.32 -11.16
N ALA B 85 1.11 -1.27 -11.86
CA ALA B 85 0.17 -0.30 -11.30
C ALA B 85 -1.15 -0.21 -12.06
N TRP B 86 -1.34 -0.99 -13.13
CA TRP B 86 -2.46 -0.76 -14.05
C TRP B 86 -3.81 -0.99 -13.39
N LEU B 87 -3.89 -1.91 -12.43
CA LEU B 87 -5.17 -2.11 -11.75
C LEU B 87 -5.39 -1.06 -10.67
N GLU B 88 -4.31 -0.63 -10.00
CA GLU B 88 -4.42 0.49 -9.08
C GLU B 88 -4.98 1.71 -9.79
N ILE B 89 -4.46 1.99 -10.99
CA ILE B 89 -4.88 3.16 -11.73
C ILE B 89 -6.36 3.04 -12.12
N LEU B 90 -6.79 1.85 -12.58
CA LEU B 90 -8.20 1.66 -12.88
C LEU B 90 -9.07 1.83 -11.63
N MET B 91 -8.61 1.31 -10.49
CA MET B 91 -9.42 1.39 -9.29
C MET B 91 -9.48 2.81 -8.73
N ILE B 92 -8.37 3.54 -8.77
CA ILE B 92 -8.44 4.91 -8.26
C ILE B 92 -9.28 5.78 -9.19
N GLY B 93 -9.31 5.47 -10.49
CA GLY B 93 -10.25 6.12 -11.37
C GLY B 93 -11.68 5.72 -11.07
N LEU B 94 -11.91 4.42 -10.89
CA LEU B 94 -13.23 3.94 -10.49
C LEU B 94 -13.71 4.65 -9.23
N VAL B 95 -12.84 4.75 -8.23
CA VAL B 95 -13.20 5.35 -6.95
C VAL B 95 -13.49 6.83 -7.11
N TRP B 96 -12.76 7.51 -8.00
CA TRP B 96 -12.96 8.94 -8.20
C TRP B 96 -14.30 9.23 -8.84
N ARG B 97 -14.62 8.57 -9.94
CA ARG B 97 -15.87 8.85 -10.63
C ARG B 97 -17.07 8.23 -9.93
N SER B 98 -16.87 7.53 -8.81
CA SER B 98 -17.97 7.04 -8.00
C SER B 98 -18.24 7.92 -6.78
N MET B 99 -17.57 9.04 -6.70
CA MET B 99 -17.65 9.81 -5.49
C MET B 99 -19.08 10.22 -5.30
N GLU B 100 -19.70 10.73 -6.34
CA GLU B 100 -20.96 11.39 -6.17
C GLU B 100 -22.03 10.40 -6.46
N HIS B 101 -21.75 9.14 -6.19
CA HIS B 101 -22.78 8.15 -6.10
C HIS B 101 -22.63 7.29 -4.87
N PRO B 102 -22.86 7.87 -3.70
CA PRO B 102 -22.62 7.17 -2.43
C PRO B 102 -23.27 5.80 -2.42
N GLY B 103 -22.50 4.79 -2.02
CA GLY B 103 -22.98 3.43 -1.99
C GLY B 103 -23.04 2.73 -3.33
N LYS B 104 -22.62 3.38 -4.40
CA LYS B 104 -22.63 2.81 -5.74
C LYS B 104 -21.26 2.97 -6.37
N LEU B 105 -20.89 2.02 -7.21
CA LEU B 105 -19.65 2.09 -7.98
C LEU B 105 -19.99 2.34 -9.44
N LEU B 106 -19.43 3.43 -9.99
CA LEU B 106 -19.67 3.83 -11.38
C LEU B 106 -18.50 3.32 -12.22
N PHE B 107 -18.59 2.05 -12.61
CA PHE B 107 -17.61 1.51 -13.54
C PHE B 107 -17.66 2.25 -14.86
N ALA B 108 -18.87 2.50 -15.37
CA ALA B 108 -19.10 3.22 -16.60
C ALA B 108 -20.37 4.05 -16.42
N PRO B 109 -20.52 5.15 -17.15
CA PRO B 109 -21.73 5.97 -17.01
C PRO B 109 -23.02 5.22 -17.26
N ASN B 110 -22.98 4.08 -17.95
CA ASN B 110 -24.15 3.23 -18.11
C ASN B 110 -24.06 1.94 -17.30
N LEU B 111 -23.01 1.77 -16.50
CA LEU B 111 -22.80 0.53 -15.73
C LEU B 111 -22.56 0.93 -14.28
N LEU B 112 -23.65 1.28 -13.59
CA LEU B 112 -23.62 1.66 -12.19
C LEU B 112 -24.06 0.47 -11.35
N LEU B 113 -23.17 -0.03 -10.51
CA LEU B 113 -23.42 -1.22 -9.71
C LEU B 113 -23.38 -0.88 -8.22
N ASP B 114 -24.13 -1.63 -7.44
CA ASP B 114 -24.13 -1.51 -5.99
C ASP B 114 -23.71 -2.84 -5.36
N ARG B 115 -23.73 -2.87 -4.03
CA ARG B 115 -23.16 -4.00 -3.29
C ARG B 115 -23.90 -5.31 -3.59
N ASN B 116 -25.18 -5.23 -3.95
CA ASN B 116 -25.98 -6.43 -4.14
C ASN B 116 -25.48 -7.27 -5.32
N GLN B 117 -25.53 -6.71 -6.53
CA GLN B 117 -24.97 -7.43 -7.67
C GLN B 117 -23.45 -7.51 -7.60
N GLY B 118 -22.81 -6.65 -6.80
CA GLY B 118 -21.40 -6.81 -6.52
C GLY B 118 -21.07 -8.13 -5.86
N LYS B 119 -22.07 -8.83 -5.33
CA LYS B 119 -21.90 -10.17 -4.78
C LYS B 119 -22.06 -11.25 -5.84
N CYS B 120 -22.47 -10.91 -7.06
CA CYS B 120 -22.58 -11.89 -8.13
C CYS B 120 -21.24 -12.44 -8.57
N VAL B 121 -20.14 -11.97 -8.00
CA VAL B 121 -18.80 -12.48 -8.29
C VAL B 121 -18.27 -13.17 -7.04
N GLU B 122 -17.67 -14.34 -7.22
CA GLU B 122 -17.03 -15.02 -6.10
C GLU B 122 -15.88 -14.19 -5.53
N GLY B 123 -15.27 -13.35 -6.36
CA GLY B 123 -14.32 -12.37 -5.88
C GLY B 123 -14.95 -11.51 -4.82
N MET B 124 -14.16 -11.05 -3.86
CA MET B 124 -14.76 -10.53 -2.66
C MET B 124 -15.65 -9.39 -3.06
N VAL B 125 -16.79 -9.34 -2.41
CA VAL B 125 -17.53 -8.11 -2.23
C VAL B 125 -16.82 -7.22 -1.22
N GLU B 126 -15.94 -7.80 -0.39
CA GLU B 126 -15.08 -7.00 0.46
C GLU B 126 -14.23 -6.04 -0.36
N ILE B 127 -13.78 -6.49 -1.54
CA ILE B 127 -13.13 -5.57 -2.48
C ILE B 127 -14.12 -4.54 -3.00
N PHE B 128 -15.36 -4.96 -3.26
CA PHE B 128 -16.40 -4.00 -3.66
C PHE B 128 -16.65 -3.00 -2.54
N ASP B 129 -16.79 -3.49 -1.30
CA ASP B 129 -17.01 -2.59 -0.17
C ASP B 129 -15.77 -1.79 0.18
N MET B 130 -14.58 -2.32 -0.13
CA MET B 130 -13.36 -1.54 0.03
C MET B 130 -13.31 -0.39 -0.96
N LEU B 131 -13.71 -0.64 -2.21
CA LEU B 131 -13.84 0.45 -3.17
C LEU B 131 -14.91 1.44 -2.75
N LEU B 132 -16.03 0.94 -2.22
CA LEU B 132 -17.06 1.85 -1.69
C LEU B 132 -16.52 2.66 -0.52
N ALA B 133 -15.73 2.03 0.36
CA ALA B 133 -15.12 2.76 1.46
C ALA B 133 -14.13 3.80 0.95
N THR B 134 -13.32 3.44 -0.05
CA THR B 134 -12.33 4.38 -0.56
C THR B 134 -12.99 5.59 -1.19
N SER B 135 -14.00 5.37 -2.03
CA SER B 135 -14.74 6.49 -2.59
C SER B 135 -15.49 7.27 -1.51
N SER B 136 -15.93 6.60 -0.46
CA SER B 136 -16.56 7.30 0.66
C SER B 136 -15.56 8.22 1.35
N ARG B 137 -14.30 7.79 1.47
CA ARG B 137 -13.29 8.63 2.10
C ARG B 137 -12.97 9.84 1.23
N PHE B 138 -12.86 9.63 -0.10
CA PHE B 138 -12.69 10.74 -1.03
C PHE B 138 -13.83 11.75 -0.89
N ARG B 139 -15.06 11.26 -0.75
CA ARG B 139 -16.20 12.17 -0.65
C ARG B 139 -16.22 12.88 0.71
N MET B 140 -15.81 12.21 1.78
CA MET B 140 -15.83 12.82 3.10
C MET B 140 -14.80 13.92 3.26
N MET B 141 -13.74 13.91 2.44
CA MET B 141 -12.71 14.94 2.52
C MET B 141 -12.62 15.78 1.25
N ASN B 142 -13.63 15.72 0.39
CA ASN B 142 -13.72 16.59 -0.79
C ASN B 142 -12.43 16.54 -1.61
N LEU B 143 -12.11 15.35 -2.09
CA LEU B 143 -10.94 15.19 -2.95
C LEU B 143 -11.14 15.95 -4.26
N GLN B 144 -10.14 16.73 -4.64
CA GLN B 144 -10.21 17.56 -5.83
C GLN B 144 -9.63 16.84 -7.04
N GLY B 145 -10.14 17.19 -8.22
CA GLY B 145 -9.65 16.57 -9.44
C GLY B 145 -8.17 16.83 -9.68
N GLU B 146 -7.72 18.03 -9.35
CA GLU B 146 -6.29 18.33 -9.43
C GLU B 146 -5.48 17.43 -8.50
N GLU B 147 -6.02 17.14 -7.31
CA GLU B 147 -5.34 16.23 -6.41
C GLU B 147 -5.43 14.78 -6.91
N PHE B 148 -6.55 14.41 -7.52
CA PHE B 148 -6.73 13.06 -8.04
C PHE B 148 -5.68 12.72 -9.09
N VAL B 149 -5.51 13.62 -10.08
CA VAL B 149 -4.54 13.34 -11.14
C VAL B 149 -3.13 13.27 -10.60
N CYS B 150 -2.84 14.01 -9.51
CA CYS B 150 -1.55 13.88 -8.85
C CYS B 150 -1.38 12.51 -8.23
N LEU B 151 -2.43 12.01 -7.56
CA LEU B 151 -2.37 10.71 -6.91
C LEU B 151 -2.25 9.58 -7.92
N LYS B 152 -2.96 9.68 -9.04
CA LYS B 152 -2.84 8.69 -10.09
C LYS B 152 -1.42 8.66 -10.65
N SER B 153 -0.81 9.84 -10.82
CA SER B 153 0.57 9.91 -11.28
C SER B 153 1.52 9.26 -10.30
N ILE B 154 1.29 9.46 -8.99
CA ILE B 154 2.18 8.87 -7.99
C ILE B 154 2.09 7.35 -8.02
N ILE B 155 0.90 6.81 -8.20
CA ILE B 155 0.75 5.37 -8.34
C ILE B 155 1.60 4.85 -9.49
N LEU B 156 1.56 5.54 -10.63
CA LEU B 156 2.28 5.09 -11.82
C LEU B 156 3.78 5.02 -11.56
N LEU B 157 4.34 6.01 -10.87
CA LEU B 157 5.78 6.10 -10.71
C LEU B 157 6.30 5.45 -9.44
N ASN B 158 5.45 5.18 -8.46
CA ASN B 158 5.90 4.63 -7.19
C ASN B 158 5.70 3.12 -7.06
N SER B 159 4.56 2.60 -7.52
CA SER B 159 4.21 1.21 -7.23
C SER B 159 5.30 0.25 -7.71
N GLY B 160 5.84 0.49 -8.90
CA GLY B 160 6.81 -0.44 -9.45
C GLY B 160 8.24 0.06 -9.41
N VAL B 161 8.58 0.87 -8.40
CA VAL B 161 9.92 1.43 -8.34
C VAL B 161 10.95 0.40 -7.92
N TYR B 162 10.53 -0.70 -7.29
CA TYR B 162 11.40 -1.86 -7.08
C TYR B 162 10.58 -3.11 -6.86
N ASP B 176 16.77 9.45 -7.55
CA ASP B 176 16.97 9.50 -8.99
C ASP B 176 15.87 10.28 -9.69
N HIS B 177 15.72 10.05 -10.99
CA HIS B 177 14.78 10.82 -11.78
C HIS B 177 13.35 10.62 -11.30
N ILE B 178 12.94 9.37 -11.08
CA ILE B 178 11.58 9.10 -10.61
C ILE B 178 11.40 9.63 -9.19
N HIS B 179 12.44 9.55 -8.36
CA HIS B 179 12.36 10.14 -7.03
C HIS B 179 12.34 11.66 -7.09
N ARG B 180 12.99 12.24 -8.10
CA ARG B 180 12.91 13.68 -8.29
C ARG B 180 11.55 14.09 -8.85
N VAL B 181 10.88 13.20 -9.58
CA VAL B 181 9.54 13.51 -10.08
C VAL B 181 8.51 13.35 -8.98
N LEU B 182 8.62 12.28 -8.18
CA LEU B 182 7.69 12.10 -7.06
C LEU B 182 7.78 13.27 -6.08
N ASP B 183 9.00 13.71 -5.74
CA ASP B 183 9.15 14.91 -4.94
C ASP B 183 8.44 16.09 -5.59
N LYS B 184 8.65 16.30 -6.89
CA LYS B 184 8.01 17.41 -7.57
C LYS B 184 6.49 17.28 -7.56
N ILE B 185 5.97 16.05 -7.74
CA ILE B 185 4.53 15.85 -7.65
C ILE B 185 4.04 16.13 -6.24
N THR B 186 4.84 15.77 -5.22
CA THR B 186 4.48 16.09 -3.84
C THR B 186 4.40 17.59 -3.64
N ASP B 187 5.42 18.32 -4.08
CA ASP B 187 5.37 19.78 -4.02
C ASP B 187 4.15 20.32 -4.79
N THR B 188 3.82 19.69 -5.92
CA THR B 188 2.64 20.08 -6.68
C THR B 188 1.38 19.88 -5.87
N LEU B 189 1.22 18.68 -5.30
CA LEU B 189 0.05 18.37 -4.50
C LEU B 189 -0.09 19.34 -3.33
N ILE B 190 1.03 19.79 -2.76
CA ILE B 190 0.98 20.69 -1.62
C ILE B 190 0.73 22.14 -2.06
N HIS B 191 1.20 22.51 -3.25
CA HIS B 191 0.77 23.78 -3.85
C HIS B 191 -0.74 23.88 -3.89
N LEU B 192 -1.41 22.78 -4.28
CA LEU B 192 -2.86 22.78 -4.33
C LEU B 192 -3.48 23.03 -2.97
N MET B 193 -2.93 22.40 -1.97
CA MET B 193 -3.49 22.49 -0.65
C MET B 193 -3.33 23.92 -0.21
N ALA B 194 -2.22 24.50 -0.61
CA ALA B 194 -1.84 25.76 -0.06
C ALA B 194 -2.93 26.72 -0.45
N LYS B 195 -3.38 26.62 -1.69
CA LYS B 195 -4.27 27.59 -2.26
C LYS B 195 -5.70 27.11 -2.06
N ALA B 196 -6.42 27.63 -1.08
CA ALA B 196 -5.85 28.50 -0.07
C ALA B 196 -6.15 28.04 1.35
N GLY B 197 -5.35 28.54 2.27
CA GLY B 197 -5.86 28.84 3.58
C GLY B 197 -6.34 27.60 4.25
N LEU B 198 -5.57 26.56 4.06
CA LEU B 198 -5.49 25.51 5.06
C LEU B 198 -4.10 25.55 5.67
N THR B 199 -4.00 25.41 6.97
CA THR B 199 -2.74 25.53 7.62
C THR B 199 -1.79 24.36 7.46
N LEU B 200 -0.52 24.66 7.49
CA LEU B 200 0.49 23.64 7.22
C LEU B 200 0.23 22.38 8.04
N GLN B 201 -0.22 22.53 9.29
CA GLN B 201 -0.54 21.37 10.12
C GLN B 201 -1.60 20.50 9.47
N GLN B 202 -2.58 21.12 8.81
CA GLN B 202 -3.62 20.43 8.07
C GLN B 202 -3.26 20.25 6.60
N GLN B 203 -2.15 20.85 6.15
CA GLN B 203 -1.65 20.73 4.78
C GLN B 203 -0.82 19.47 4.59
N HIS B 204 0.07 19.16 5.53
CA HIS B 204 0.77 17.89 5.50
C HIS B 204 -0.02 16.77 6.18
N GLN B 205 -1.01 17.12 7.00
CA GLN B 205 -1.95 16.10 7.48
C GLN B 205 -2.87 15.66 6.35
N ARG B 206 -3.31 16.60 5.51
CA ARG B 206 -4.08 16.23 4.33
C ARG B 206 -3.24 15.41 3.35
N LEU B 207 -1.96 15.80 3.17
CA LEU B 207 -1.09 14.99 2.32
C LEU B 207 -0.94 13.58 2.86
N ALA B 208 -0.79 13.45 4.18
CA ALA B 208 -0.63 12.13 4.79
C ALA B 208 -1.87 11.26 4.58
N GLN B 209 -3.05 11.84 4.79
CA GLN B 209 -4.28 11.09 4.59
C GLN B 209 -4.43 10.65 3.14
N LEU B 210 -4.02 11.49 2.18
CA LEU B 210 -4.09 11.12 0.77
C LEU B 210 -3.18 9.94 0.46
N LEU B 211 -1.91 10.02 0.87
CA LEU B 211 -0.95 8.97 0.53
C LEU B 211 -1.25 7.66 1.24
N LEU B 212 -1.76 7.72 2.47
CA LEU B 212 -2.12 6.49 3.16
C LEU B 212 -3.24 5.75 2.44
N ILE B 213 -4.11 6.48 1.73
CA ILE B 213 -5.14 5.80 0.95
C ILE B 213 -4.51 4.99 -0.19
N LEU B 214 -3.37 5.45 -0.73
CA LEU B 214 -2.67 4.69 -1.76
C LEU B 214 -2.23 3.34 -1.25
N SER B 215 -2.01 3.21 0.06
CA SER B 215 -1.74 1.90 0.64
C SER B 215 -2.95 0.98 0.54
N HIS B 216 -4.16 1.55 0.69
CA HIS B 216 -5.36 0.73 0.56
C HIS B 216 -5.60 0.34 -0.88
N ILE B 217 -5.37 1.27 -1.81
CA ILE B 217 -5.59 0.99 -3.23
C ILE B 217 -4.63 -0.11 -3.70
N ARG B 218 -3.40 -0.12 -3.20
CA ARG B 218 -2.48 -1.20 -3.50
C ARG B 218 -2.99 -2.52 -2.95
N HIS B 219 -3.65 -2.48 -1.78
CA HIS B 219 -4.23 -3.68 -1.19
C HIS B 219 -5.38 -4.20 -2.03
N MET B 220 -6.31 -3.31 -2.40
CA MET B 220 -7.42 -3.71 -3.27
C MET B 220 -6.91 -4.27 -4.58
N SER B 221 -5.80 -3.74 -5.09
CA SER B 221 -5.25 -4.23 -6.35
C SER B 221 -4.70 -5.64 -6.19
N ASN B 222 -3.89 -5.88 -5.17
CA ASN B 222 -3.34 -7.21 -4.95
C ASN B 222 -4.46 -8.22 -4.71
N LYS B 223 -5.46 -7.84 -3.91
CA LYS B 223 -6.62 -8.72 -3.70
C LYS B 223 -7.37 -8.94 -5.01
N GLY B 224 -7.63 -7.88 -5.77
CA GLY B 224 -8.27 -8.05 -7.05
C GLY B 224 -7.42 -8.76 -8.08
N MET B 225 -6.10 -8.55 -8.05
CA MET B 225 -5.22 -9.24 -8.98
C MET B 225 -5.27 -10.74 -8.77
N GLU B 226 -5.26 -11.19 -7.52
CA GLU B 226 -5.26 -12.62 -7.24
C GLU B 226 -6.57 -13.29 -7.67
N HIS B 227 -7.66 -12.53 -7.79
CA HIS B 227 -8.90 -13.14 -8.25
C HIS B 227 -8.97 -13.20 -9.78
N LEU B 228 -8.46 -12.17 -10.46
CA LEU B 228 -8.40 -12.22 -11.92
C LEU B 228 -7.52 -13.38 -12.38
N TYR B 229 -6.41 -13.63 -11.68
CA TYR B 229 -5.57 -14.78 -11.98
C TYR B 229 -6.30 -16.09 -11.72
N SER B 230 -7.30 -16.08 -10.84
CA SER B 230 -8.12 -17.26 -10.62
C SER B 230 -9.01 -17.53 -11.84
N MET B 231 -9.80 -16.54 -12.25
CA MET B 231 -10.66 -16.71 -13.41
C MET B 231 -9.87 -16.86 -14.71
N LYS B 232 -8.56 -16.64 -14.69
CA LYS B 232 -7.72 -16.88 -15.86
C LYS B 232 -7.70 -18.36 -16.21
N CYS B 233 -7.15 -19.19 -15.31
CA CYS B 233 -7.13 -20.63 -15.50
C CYS B 233 -8.46 -21.30 -15.16
N LYS B 234 -9.45 -20.53 -14.70
CA LYS B 234 -10.78 -21.04 -14.41
C LYS B 234 -11.74 -20.87 -15.58
N ASN B 235 -11.33 -20.16 -16.63
CA ASN B 235 -12.06 -20.09 -17.90
C ASN B 235 -13.46 -19.51 -17.73
N VAL B 236 -13.60 -18.51 -16.85
CA VAL B 236 -14.91 -17.93 -16.59
C VAL B 236 -15.37 -17.09 -17.78
N VAL B 237 -14.49 -16.24 -18.29
CA VAL B 237 -14.84 -15.34 -19.40
C VAL B 237 -13.64 -15.23 -20.34
N PRO B 238 -13.85 -15.21 -21.67
CA PRO B 238 -12.73 -14.92 -22.58
C PRO B 238 -12.12 -13.55 -22.30
N LEU B 239 -10.93 -13.54 -21.70
CA LEU B 239 -10.24 -12.29 -21.40
C LEU B 239 -9.71 -11.67 -22.69
N SER B 240 -8.89 -10.65 -22.54
CA SER B 240 -8.28 -9.95 -23.67
C SER B 240 -6.81 -10.34 -23.79
N ASP B 241 -6.31 -10.30 -25.02
CA ASP B 241 -4.88 -10.56 -25.25
C ASP B 241 -4.03 -9.65 -24.38
N LEU B 242 -4.32 -8.34 -24.40
CA LEU B 242 -3.56 -7.38 -23.59
C LEU B 242 -3.77 -7.59 -22.10
N LEU B 243 -4.98 -8.00 -21.69
CA LEU B 243 -5.25 -8.15 -20.26
C LEU B 243 -4.51 -9.35 -19.67
N LEU B 244 -4.34 -10.42 -20.45
CA LEU B 244 -3.60 -11.57 -19.96
C LEU B 244 -2.11 -11.28 -19.84
N GLU B 245 -1.58 -10.39 -20.68
CA GLU B 245 -0.15 -10.08 -20.61
C GLU B 245 0.18 -9.23 -19.39
N MET B 246 -0.78 -8.45 -18.89
CA MET B 246 -0.56 -7.78 -17.61
C MET B 246 -0.58 -8.78 -16.46
N LEU B 247 -1.38 -9.84 -16.57
CA LEU B 247 -1.48 -10.84 -15.51
C LEU B 247 -0.25 -11.72 -15.44
N ASP B 248 0.47 -11.88 -16.55
CA ASP B 248 1.72 -12.65 -16.53
C ASP B 248 2.81 -11.96 -15.74
N ALA B 249 2.67 -10.66 -15.47
CA ALA B 249 3.59 -9.94 -14.60
C ALA B 249 3.30 -10.16 -13.13
N HIS B 250 2.07 -10.53 -12.78
CA HIS B 250 1.68 -10.84 -11.41
C HIS B 250 1.42 -12.35 -11.35
N ARG B 251 2.47 -13.12 -11.09
CA ARG B 251 2.34 -14.57 -11.01
C ARG B 251 3.43 -15.19 -10.14
N LYS C 3 -10.85 -17.33 19.47
CA LYS C 3 -9.60 -16.97 18.80
C LYS C 3 -8.49 -16.66 19.81
N ILE C 4 -7.29 -17.18 19.53
CA ILE C 4 -6.14 -16.90 20.39
C ILE C 4 -5.84 -15.41 20.42
N LEU C 5 -6.07 -14.71 19.31
CA LEU C 5 -5.81 -13.27 19.26
C LEU C 5 -6.75 -12.49 20.18
N HIS C 6 -8.01 -12.93 20.28
CA HIS C 6 -8.96 -12.20 21.12
C HIS C 6 -8.58 -12.30 22.59
N ARG C 7 -8.02 -13.43 23.02
CA ARG C 7 -7.70 -13.62 24.43
C ARG C 7 -6.47 -12.82 24.84
N LEU C 8 -5.44 -12.78 23.98
CA LEU C 8 -4.21 -12.07 24.35
C LEU C 8 -4.45 -10.58 24.52
N LEU C 9 -5.36 -10.01 23.74
CA LEU C 9 -5.73 -8.62 23.94
C LEU C 9 -6.53 -8.42 25.23
N GLN C 10 -7.19 -9.47 25.72
CA GLN C 10 -7.98 -9.38 26.95
C GLN C 10 -7.18 -9.71 28.20
N ASP C 11 -5.87 -9.89 28.08
CA ASP C 11 -5.02 -10.19 29.24
C ASP C 11 -4.10 -9.02 29.56
N LYS D 3 5.63 -8.57 -26.62
CA LYS D 3 4.49 -8.25 -25.76
C LYS D 3 3.68 -7.09 -26.32
N ILE D 4 2.36 -7.19 -26.17
CA ILE D 4 1.45 -6.17 -26.69
C ILE D 4 1.75 -4.81 -26.06
N LEU D 5 2.11 -4.79 -24.78
CA LEU D 5 2.42 -3.54 -24.10
C LEU D 5 3.60 -2.82 -24.76
N HIS D 6 4.52 -3.56 -25.38
CA HIS D 6 5.65 -2.93 -26.06
C HIS D 6 5.18 -2.07 -27.23
N ARG D 7 4.41 -2.67 -28.15
CA ARG D 7 4.00 -1.94 -29.35
C ARG D 7 3.09 -0.77 -28.99
N LEU D 8 2.22 -0.94 -28.00
CA LEU D 8 1.30 0.12 -27.64
C LEU D 8 2.03 1.33 -27.06
N LEU D 9 3.18 1.11 -26.43
CA LEU D 9 3.98 2.20 -25.87
C LEU D 9 4.86 2.89 -26.90
N GLN D 10 5.06 2.28 -28.07
CA GLN D 10 5.87 2.89 -29.13
C GLN D 10 4.98 3.48 -30.22
O01 7EM E . 9.90 -9.93 12.28
C02 7EM E . 9.70 -10.71 11.11
C03 7EM E . 9.44 -12.06 11.23
C04 7EM E . 9.25 -12.82 10.08
C05 7EM E . 9.29 -12.23 8.83
C06 7EM E . 9.10 -13.11 7.62
C07 7EM E . 9.89 -12.96 6.42
C08 7EM E . 9.48 -14.01 5.38
C09 7EM E . 10.11 -14.13 4.02
C10 7EM E . 10.65 -15.34 3.61
C11 7EM E . 11.26 -15.47 2.37
C12 7EM E . 11.33 -14.36 1.53
O13 7EM E . 11.94 -14.49 0.26
C14 7EM E . 10.78 -13.16 1.93
C15 7EM E . 10.18 -13.03 3.17
C16 7EM E . 8.44 -14.83 5.94
C17 7EM E . 7.80 -15.99 5.21
C18 7EM E . 7.16 -15.79 4.00
C19 7EM E . 6.58 -16.88 3.35
C20 7EM E . 6.67 -18.15 3.92
O21 7EM E . 6.09 -19.25 3.26
C22 7EM E . 7.32 -18.34 5.12
C23 7EM E . 7.89 -17.26 5.77
S24 7EM E . 8.10 -14.36 7.44
C25 7EM E . 9.56 -10.87 8.71
C26 7EM E . 9.77 -10.12 9.86
O01 7EM F . -11.86 1.12 -14.70
C02 7EM F . -12.07 -0.10 -14.03
C03 7EM F . -12.48 -1.21 -14.73
C04 7EM F . -12.69 -2.40 -14.06
C05 7EM F . -12.49 -2.49 -12.70
C06 7EM F . -12.73 -3.80 -11.98
C07 7EM F . -13.51 -3.93 -10.78
C08 7EM F . -13.57 -5.38 -10.35
C09 7EM F . -14.31 -5.86 -9.11
C10 7EM F . -15.30 -6.82 -9.26
C11 7EM F . -15.99 -7.27 -8.15
C12 7EM F . -15.71 -6.75 -6.90
O13 7EM F . -16.42 -7.21 -5.78
C14 7EM F . -14.72 -5.77 -6.76
C15 7EM F . -14.03 -5.33 -7.87
C16 7EM F . -12.84 -6.20 -11.27
C17 7EM F . -12.68 -7.70 -11.16
S24 7EM F . -12.22 -5.26 -12.44
C25 7EM F . -12.08 -1.37 -11.99
C26 7EM F . -11.86 -0.17 -12.66
#